data_2NYU
#
_entry.id   2NYU
#
_cell.length_a   102.022
_cell.length_b   102.022
_cell.length_c   37.068
_cell.angle_alpha   90.00
_cell.angle_beta   90.00
_cell.angle_gamma   90.00
#
_symmetry.space_group_name_H-M   'P 43'
#
loop_
_entity.id
_entity.type
_entity.pdbx_description
1 polymer 'Putative ribosomal RNA methyltransferase 2'
2 non-polymer S-ADENOSYLMETHIONINE
3 water water
#
_entity_poly.entity_id   1
_entity_poly.type   'polypeptide(L)'
_entity_poly.pdbx_seq_one_letter_code
;SYRSRSAFKLLEVNERHQILRPGLRVLDCGAAPGAWSQVAVQKVNAAGTDPSSPVGFVLGVDLLHIFPLEGATFLCPADV
TDPRTSQRILEVLPGRRADVILSDMAPNATGFRDLDHDRLISLCLTLLSVTPDILQPGGTFLCKTWAGSQSRRLQRRLTE
EFQNVRIIKPEASRKESSEVYFLATQYHGRKGTVKQ
;
_entity_poly.pdbx_strand_id   A,B
#
# COMPACT_ATOMS: atom_id res chain seq x y z
N SER A 1 9.12 22.63 13.01
CA SER A 1 10.07 23.48 12.23
C SER A 1 10.37 22.78 10.90
N TYR A 2 10.41 23.56 9.83
CA TYR A 2 10.70 22.98 8.51
C TYR A 2 11.85 23.68 7.84
N ARG A 3 12.49 22.99 6.89
CA ARG A 3 13.63 23.52 6.17
C ARG A 3 13.24 24.63 5.18
N SER A 4 11.95 24.71 4.89
CA SER A 4 11.43 25.74 3.97
C SER A 4 9.96 25.98 4.25
N ARG A 5 9.49 27.20 3.94
CA ARG A 5 8.04 27.49 4.06
C ARG A 5 7.12 26.66 3.14
N SER A 6 7.72 25.92 2.21
N SER A 6 7.70 25.92 2.21
CA SER A 6 6.94 25.09 1.31
CA SER A 6 6.90 25.12 1.30
C SER A 6 6.10 24.07 2.08
C SER A 6 6.16 23.97 2.02
N ALA A 7 6.64 23.61 3.21
CA ALA A 7 5.94 22.64 4.08
C ALA A 7 4.49 23.00 4.23
N PHE A 8 4.20 24.29 4.46
CA PHE A 8 2.85 24.69 4.85
C PHE A 8 1.80 24.45 3.77
N LYS A 9 2.23 24.52 2.50
CA LYS A 9 1.36 24.29 1.36
C LYS A 9 0.99 22.80 1.31
N LEU A 10 1.99 21.94 1.53
CA LEU A 10 1.72 20.50 1.51
C LEU A 10 0.85 20.08 2.70
N LEU A 11 1.11 20.68 3.87
CA LEU A 11 0.33 20.38 5.07
C LEU A 11 -1.17 20.70 4.82
N GLU A 12 -1.41 21.85 4.19
CA GLU A 12 -2.79 22.32 3.89
C GLU A 12 -3.46 21.41 2.86
N VAL A 13 -2.72 21.03 1.82
CA VAL A 13 -3.25 20.14 0.80
C VAL A 13 -3.63 18.78 1.43
N ASN A 14 -2.75 18.27 2.29
CA ASN A 14 -3.02 16.98 2.91
C ASN A 14 -4.20 17.10 3.89
N GLU A 15 -4.32 18.23 4.57
CA GLU A 15 -5.39 18.35 5.53
C GLU A 15 -6.79 18.12 4.83
N ARG A 16 -6.92 18.73 3.67
CA ARG A 16 -8.18 18.74 2.95
C ARG A 16 -8.37 17.44 2.19
N HIS A 17 -7.30 16.94 1.61
CA HIS A 17 -7.42 15.90 0.63
C HIS A 17 -7.04 14.53 1.07
N GLN A 18 -6.32 14.46 2.21
CA GLN A 18 -5.94 13.20 2.90
C GLN A 18 -5.15 12.28 1.99
N ILE A 19 -4.06 12.81 1.46
CA ILE A 19 -3.30 12.03 0.49
C ILE A 19 -2.12 11.30 1.10
N LEU A 20 -1.75 11.70 2.32
CA LEU A 20 -0.63 11.05 3.07
C LEU A 20 -1.10 10.38 4.34
N ARG A 21 -0.78 9.10 4.45
CA ARG A 21 -1.11 8.37 5.64
C ARG A 21 -0.16 7.19 5.96
N PRO A 22 -0.19 6.71 7.20
CA PRO A 22 0.79 5.66 7.53
C PRO A 22 0.87 4.53 6.53
N GLY A 23 2.11 4.16 6.22
CA GLY A 23 2.34 3.00 5.37
C GLY A 23 2.60 3.35 3.93
N LEU A 24 2.17 4.55 3.48
CA LEU A 24 2.31 4.89 2.06
C LEU A 24 3.78 5.15 1.65
N ARG A 25 4.14 4.75 0.43
CA ARG A 25 5.46 5.03 -0.11
C ARG A 25 5.38 6.31 -0.95
N VAL A 26 6.24 7.25 -0.68
CA VAL A 26 6.18 8.56 -1.33
C VAL A 26 7.44 8.78 -2.11
N LEU A 27 7.26 9.26 -3.34
CA LEU A 27 8.39 9.81 -4.09
C LEU A 27 8.23 11.33 -4.16
N ASP A 28 9.25 12.07 -3.69
CA ASP A 28 9.20 13.54 -3.62
C ASP A 28 10.18 14.07 -4.64
N CYS A 29 9.66 14.56 -5.77
CA CYS A 29 10.47 15.15 -6.84
C CYS A 29 10.73 16.65 -6.64
N GLY A 30 11.97 17.06 -6.86
CA GLY A 30 12.41 18.40 -6.51
C GLY A 30 12.44 18.61 -5.01
N ALA A 31 13.02 17.65 -4.30
CA ALA A 31 12.93 17.56 -2.87
C ALA A 31 13.79 18.55 -2.07
N ALA A 32 14.80 19.17 -2.68
CA ALA A 32 15.67 20.07 -1.88
C ALA A 32 14.96 21.41 -1.54
N PRO A 33 15.18 21.96 -0.30
CA PRO A 33 16.05 21.46 0.79
C PRO A 33 15.48 20.30 1.63
N GLY A 34 14.19 20.03 1.50
CA GLY A 34 13.55 18.83 2.09
C GLY A 34 12.31 19.04 2.94
N ALA A 35 11.65 20.18 2.79
CA ALA A 35 10.45 20.45 3.65
C ALA A 35 9.24 19.53 3.31
N TRP A 36 9.00 19.28 2.02
CA TRP A 36 7.89 18.38 1.65
C TRP A 36 8.24 16.99 2.16
N SER A 37 9.54 16.63 2.04
CA SER A 37 10.01 15.33 2.55
C SER A 37 9.82 15.21 4.08
N GLN A 38 10.10 16.29 4.80
CA GLN A 38 9.82 16.32 6.26
C GLN A 38 8.36 16.05 6.57
N VAL A 39 7.45 16.73 5.86
CA VAL A 39 6.00 16.50 6.02
C VAL A 39 5.64 15.07 5.72
N ALA A 40 6.17 14.60 4.62
CA ALA A 40 5.86 13.25 4.13
C ALA A 40 6.32 12.19 5.17
N VAL A 41 7.54 12.35 5.67
CA VAL A 41 8.03 11.39 6.71
C VAL A 41 7.07 11.37 7.94
N GLN A 42 6.68 12.55 8.39
CA GLN A 42 5.73 12.60 9.50
C GLN A 42 4.39 11.86 9.17
N LYS A 43 3.78 12.22 8.06
CA LYS A 43 2.41 11.80 7.79
C LYS A 43 2.31 10.35 7.37
N VAL A 44 3.38 9.78 6.80
CA VAL A 44 3.31 8.37 6.42
C VAL A 44 4.05 7.48 7.44
N ASN A 45 4.47 8.12 8.51
CA ASN A 45 5.12 7.43 9.63
C ASN A 45 6.43 6.69 9.17
N ALA A 46 7.18 7.33 8.27
CA ALA A 46 8.37 6.69 7.66
C ALA A 46 9.52 6.48 8.67
N ALA A 47 9.55 7.25 9.74
CA ALA A 47 10.62 7.07 10.74
C ALA A 47 10.20 6.08 11.83
N GLY A 48 8.96 5.60 11.75
CA GLY A 48 8.44 4.57 12.68
C GLY A 48 8.12 5.12 14.06
N THR A 49 8.16 6.44 14.16
CA THR A 49 7.90 7.15 15.41
C THR A 49 6.63 6.70 16.13
N ASP A 50 5.60 6.34 15.36
CA ASP A 50 4.37 5.77 15.95
C ASP A 50 4.34 4.24 15.78
N PRO A 51 4.65 3.50 16.85
CA PRO A 51 4.69 2.04 16.73
C PRO A 51 3.29 1.42 16.41
N SER A 52 2.22 2.18 16.57
CA SER A 52 0.87 1.63 16.47
C SER A 52 0.30 1.63 15.04
N SER A 53 1.12 2.12 14.09
CA SER A 53 0.66 2.45 12.72
C SER A 53 1.68 1.96 11.68
N PRO A 54 1.20 1.60 10.46
CA PRO A 54 2.09 1.12 9.43
C PRO A 54 3.24 2.11 9.16
N VAL A 55 4.37 1.57 8.74
CA VAL A 55 5.56 2.41 8.52
C VAL A 55 5.73 2.65 7.03
N GLY A 56 5.63 3.92 6.64
CA GLY A 56 5.69 4.29 5.24
C GLY A 56 7.14 4.44 4.76
N PHE A 57 7.30 5.11 3.64
CA PHE A 57 8.59 5.25 3.03
C PHE A 57 8.63 6.55 2.29
N VAL A 58 9.76 7.20 2.35
CA VAL A 58 9.92 8.49 1.63
C VAL A 58 11.22 8.55 0.91
N LEU A 59 11.15 8.78 -0.42
CA LEU A 59 12.35 8.97 -1.23
C LEU A 59 12.29 10.31 -1.92
N GLY A 60 13.26 11.19 -1.63
CA GLY A 60 13.33 12.54 -2.24
C GLY A 60 14.41 12.54 -3.35
N VAL A 61 14.18 13.27 -4.45
CA VAL A 61 15.15 13.35 -5.57
C VAL A 61 15.33 14.81 -5.95
N ASP A 62 16.57 15.23 -6.13
CA ASP A 62 16.77 16.61 -6.64
C ASP A 62 18.10 16.73 -7.36
N LEU A 63 18.19 17.71 -8.25
CA LEU A 63 19.49 18.09 -8.88
C LEU A 63 20.49 18.56 -7.83
N LEU A 64 19.98 19.21 -6.78
CA LEU A 64 20.77 19.78 -5.66
C LEU A 64 20.90 18.85 -4.46
N HIS A 65 21.98 19.07 -3.70
CA HIS A 65 22.23 18.23 -2.53
C HIS A 65 21.13 18.42 -1.52
N ILE A 66 20.71 17.32 -0.88
CA ILE A 66 19.74 17.34 0.21
C ILE A 66 20.41 16.78 1.49
N PHE A 67 20.37 17.55 2.57
CA PHE A 67 20.91 17.06 3.85
C PHE A 67 20.10 15.88 4.39
N PRO A 68 20.79 14.88 4.97
CA PRO A 68 20.09 13.72 5.47
C PRO A 68 18.97 14.05 6.41
N LEU A 69 17.91 13.24 6.30
CA LEU A 69 16.71 13.39 7.17
C LEU A 69 16.33 12.01 7.69
N GLU A 70 16.17 11.87 9.01
CA GLU A 70 15.80 10.56 9.56
C GLU A 70 14.47 10.11 8.97
N GLY A 71 14.45 8.92 8.35
CA GLY A 71 13.19 8.39 7.81
C GLY A 71 12.97 8.63 6.33
N ALA A 72 13.93 9.30 5.66
CA ALA A 72 13.91 9.48 4.24
C ALA A 72 15.19 9.01 3.58
N THR A 73 15.07 8.59 2.36
CA THR A 73 16.26 8.27 1.53
C THR A 73 16.29 9.34 0.47
N PHE A 74 17.49 9.81 0.10
CA PHE A 74 17.59 10.83 -0.94
C PHE A 74 18.50 10.45 -2.08
N LEU A 75 18.09 10.82 -3.30
CA LEU A 75 18.96 10.62 -4.48
C LEU A 75 19.33 12.01 -4.95
N CYS A 76 20.58 12.41 -4.77
CA CYS A 76 21.02 13.70 -5.26
C CYS A 76 22.52 13.64 -5.44
N PRO A 77 23.05 14.26 -6.51
CA PRO A 77 22.31 14.89 -7.59
C PRO A 77 21.63 13.86 -8.50
N ALA A 78 20.42 14.16 -8.90
CA ALA A 78 19.67 13.28 -9.78
C ALA A 78 18.58 14.03 -10.49
N ASP A 79 18.63 13.96 -11.79
CA ASP A 79 17.67 14.65 -12.60
C ASP A 79 16.46 13.74 -12.78
N VAL A 80 15.28 14.17 -12.33
CA VAL A 80 14.07 13.33 -12.40
C VAL A 80 13.70 12.85 -13.82
N THR A 81 14.17 13.57 -14.83
CA THR A 81 13.89 13.31 -16.25
C THR A 81 14.93 12.38 -16.92
N ASP A 82 16.01 12.11 -16.21
CA ASP A 82 17.06 11.19 -16.71
C ASP A 82 16.57 9.72 -16.54
N PRO A 83 16.55 8.94 -17.62
CA PRO A 83 16.16 7.52 -17.50
C PRO A 83 16.91 6.76 -16.39
N ARG A 84 18.13 7.17 -16.08
CA ARG A 84 18.89 6.46 -15.04
C ARG A 84 18.20 6.68 -13.69
N THR A 85 17.79 7.91 -13.50
CA THR A 85 17.06 8.26 -12.28
C THR A 85 15.84 7.36 -12.02
N SER A 86 15.03 7.06 -13.03
CA SER A 86 13.92 6.13 -12.72
C SER A 86 14.39 4.79 -12.27
N GLN A 87 15.45 4.24 -12.90
CA GLN A 87 15.92 2.96 -12.46
C GLN A 87 16.38 3.01 -11.02
N ARG A 88 17.14 4.05 -10.67
CA ARG A 88 17.55 4.26 -9.27
C ARG A 88 16.37 4.37 -8.29
N ILE A 89 15.29 5.02 -8.74
CA ILE A 89 14.05 5.16 -7.94
C ILE A 89 13.45 3.76 -7.72
N LEU A 90 13.31 3.01 -8.79
CA LEU A 90 12.72 1.66 -8.74
C LEU A 90 13.49 0.70 -7.85
N GLU A 91 14.81 0.85 -7.84
CA GLU A 91 15.69 0.01 -7.03
C GLU A 91 15.54 0.28 -5.52
N VAL A 92 15.11 1.49 -5.17
CA VAL A 92 15.07 1.91 -3.78
C VAL A 92 13.64 1.81 -3.17
N LEU A 93 12.62 2.04 -4.00
CA LEU A 93 11.24 2.03 -3.46
C LEU A 93 10.87 0.61 -3.05
N PRO A 94 10.33 0.44 -1.84
CA PRO A 94 9.72 -0.88 -1.51
C PRO A 94 8.73 -1.34 -2.57
N GLY A 95 8.95 -2.58 -3.06
CA GLY A 95 8.04 -3.18 -4.04
C GLY A 95 8.12 -2.52 -5.39
N ARG A 96 9.17 -1.71 -5.58
CA ARG A 96 9.36 -0.96 -6.84
C ARG A 96 8.18 -0.09 -7.25
N ARG A 97 7.42 0.42 -6.28
CA ARG A 97 6.35 1.37 -6.63
C ARG A 97 6.18 2.40 -5.52
N ALA A 98 5.62 3.53 -5.91
CA ALA A 98 5.23 4.57 -4.93
C ALA A 98 3.74 4.62 -4.91
N ASP A 99 3.18 5.03 -3.76
CA ASP A 99 1.76 5.25 -3.60
C ASP A 99 1.38 6.68 -3.91
N VAL A 100 2.34 7.58 -3.70
CA VAL A 100 2.14 9.01 -3.93
C VAL A 100 3.39 9.59 -4.58
N ILE A 101 3.18 10.29 -5.67
CA ILE A 101 4.25 11.03 -6.33
C ILE A 101 3.97 12.50 -6.08
N LEU A 102 4.92 13.18 -5.45
CA LEU A 102 4.77 14.62 -5.18
C LEU A 102 5.78 15.32 -6.09
N SER A 103 5.41 16.45 -6.65
CA SER A 103 6.42 17.20 -7.38
C SER A 103 6.36 18.69 -7.14
N ASP A 104 7.46 19.25 -6.67
CA ASP A 104 7.58 20.69 -6.50
C ASP A 104 8.75 21.19 -7.34
N MET A 105 9.04 20.54 -8.48
CA MET A 105 10.16 20.92 -9.31
C MET A 105 9.82 22.17 -10.07
N ALA A 106 10.82 22.99 -10.26
CA ALA A 106 10.64 24.16 -11.12
C ALA A 106 11.96 24.50 -11.75
N PRO A 107 11.94 24.97 -13.00
CA PRO A 107 13.18 25.42 -13.65
C PRO A 107 13.71 26.63 -12.93
N ASN A 108 15.00 26.89 -13.06
CA ASN A 108 15.51 28.14 -12.56
C ASN A 108 14.96 29.28 -13.39
N ALA A 109 14.55 30.35 -12.74
CA ALA A 109 13.85 31.41 -13.43
C ALA A 109 14.78 32.11 -14.42
N THR A 110 14.23 32.55 -15.55
CA THR A 110 15.02 33.22 -16.58
C THR A 110 14.59 34.67 -16.78
N GLY A 111 13.43 35.03 -16.25
CA GLY A 111 12.84 36.33 -16.57
C GLY A 111 12.00 36.31 -17.85
N PHE A 112 11.96 35.16 -18.54
CA PHE A 112 11.04 34.98 -19.66
C PHE A 112 9.89 34.18 -19.17
N ARG A 113 8.76 34.85 -19.03
CA ARG A 113 7.64 34.32 -18.24
C ARG A 113 6.99 33.11 -18.89
N ASP A 114 6.56 33.26 -20.14
CA ASP A 114 5.99 32.12 -20.91
C ASP A 114 6.93 30.95 -20.96
N LEU A 115 8.19 31.25 -21.25
CA LEU A 115 9.21 30.22 -21.32
C LEU A 115 9.35 29.46 -19.99
N ASP A 116 9.44 30.19 -18.87
CA ASP A 116 9.53 29.52 -17.55
C ASP A 116 8.27 28.69 -17.23
N HIS A 117 7.10 29.24 -17.51
CA HIS A 117 5.84 28.50 -17.30
C HIS A 117 5.76 27.24 -18.14
N ASP A 118 6.10 27.38 -19.41
CA ASP A 118 6.05 26.28 -20.35
C ASP A 118 7.02 25.17 -19.99
N ARG A 119 8.21 25.55 -19.55
CA ARG A 119 9.24 24.62 -19.06
C ARG A 119 8.76 23.89 -17.81
N LEU A 120 8.05 24.57 -16.92
CA LEU A 120 7.45 23.93 -15.76
C LEU A 120 6.43 22.89 -16.15
N ILE A 121 5.56 23.24 -17.09
CA ILE A 121 4.53 22.35 -17.55
C ILE A 121 5.19 21.13 -18.21
N SER A 122 6.23 21.39 -19.01
CA SER A 122 7.01 20.32 -19.66
C SER A 122 7.62 19.29 -18.69
N LEU A 123 8.15 19.78 -17.57
N LEU A 123 8.13 19.80 -17.58
CA LEU A 123 8.68 18.90 -16.49
CA LEU A 123 8.66 18.99 -16.47
C LEU A 123 7.59 17.99 -15.94
C LEU A 123 7.60 18.03 -15.95
N CYS A 124 6.42 18.59 -15.67
CA CYS A 124 5.27 17.82 -15.18
C CYS A 124 4.92 16.68 -16.20
N LEU A 125 4.87 17.03 -17.48
CA LEU A 125 4.56 16.05 -18.54
C LEU A 125 5.58 14.88 -18.61
N THR A 126 6.85 15.21 -18.44
CA THR A 126 7.92 14.20 -18.52
C THR A 126 7.79 13.29 -17.31
N LEU A 127 7.47 13.87 -16.17
CA LEU A 127 7.30 13.06 -14.96
C LEU A 127 6.10 12.15 -15.13
N LEU A 128 5.01 12.68 -15.72
CA LEU A 128 3.82 11.88 -15.90
C LEU A 128 4.09 10.72 -16.85
N SER A 129 5.01 10.93 -17.78
CA SER A 129 5.29 9.91 -18.79
C SER A 129 6.11 8.73 -18.20
N VAL A 130 6.69 8.92 -17.02
CA VAL A 130 7.44 7.86 -16.38
C VAL A 130 6.66 7.26 -15.20
N THR A 131 5.52 7.88 -14.90
CA THR A 131 4.62 7.41 -13.87
C THR A 131 4.08 5.97 -13.98
N PRO A 132 3.75 5.50 -15.23
CA PRO A 132 3.34 4.09 -15.42
C PRO A 132 4.30 3.04 -14.81
N ASP A 133 5.58 3.35 -14.78
CA ASP A 133 6.60 2.44 -14.27
C ASP A 133 6.68 2.50 -12.75
N ILE A 134 6.25 3.64 -12.16
CA ILE A 134 6.56 3.95 -10.76
C ILE A 134 5.31 3.89 -9.87
N LEU A 135 4.16 4.31 -10.40
CA LEU A 135 3.03 4.65 -9.52
C LEU A 135 2.09 3.46 -9.38
N GLN A 136 1.80 3.12 -8.12
CA GLN A 136 0.84 2.04 -7.77
C GLN A 136 -0.54 2.41 -8.35
N PRO A 137 -1.19 1.45 -9.00
CA PRO A 137 -2.56 1.71 -9.47
C PRO A 137 -3.40 2.06 -8.27
N GLY A 138 -4.22 3.09 -8.42
CA GLY A 138 -4.97 3.64 -7.31
C GLY A 138 -4.24 4.79 -6.61
N GLY A 139 -2.99 5.11 -7.03
CA GLY A 139 -2.13 6.02 -6.27
C GLY A 139 -2.40 7.48 -6.69
N THR A 140 -1.58 8.38 -6.19
CA THR A 140 -1.86 9.82 -6.23
C THR A 140 -0.66 10.55 -6.82
N PHE A 141 -0.96 11.62 -7.54
CA PHE A 141 0.09 12.43 -8.17
C PHE A 141 -0.25 13.89 -7.91
N LEU A 142 0.67 14.59 -7.24
CA LEU A 142 0.49 16.00 -6.89
C LEU A 142 1.65 16.78 -7.52
N CYS A 143 1.35 17.75 -8.33
CA CYS A 143 2.41 18.52 -9.02
C CYS A 143 2.18 20.01 -9.02
N LYS A 144 3.27 20.77 -8.80
CA LYS A 144 3.27 22.21 -8.99
C LYS A 144 3.30 22.51 -10.47
N THR A 145 2.42 23.41 -10.88
CA THR A 145 2.31 23.79 -12.28
C THR A 145 1.78 25.23 -12.36
N TRP A 146 1.51 25.70 -13.59
CA TRP A 146 1.02 27.04 -13.78
C TRP A 146 -0.33 26.90 -14.48
N ALA A 147 -1.27 27.77 -14.14
CA ALA A 147 -2.62 27.62 -14.65
C ALA A 147 -2.84 28.51 -15.85
N GLY A 148 -2.83 27.90 -17.03
CA GLY A 148 -3.19 28.61 -18.26
C GLY A 148 -3.35 27.73 -19.47
N SER A 149 -3.17 28.35 -20.64
CA SER A 149 -3.45 27.71 -21.93
C SER A 149 -2.56 26.50 -22.15
N GLN A 150 -1.27 26.65 -21.80
CA GLN A 150 -0.31 25.59 -22.07
C GLN A 150 -0.48 24.45 -21.10
N SER A 151 -1.22 24.71 -20.03
CA SER A 151 -1.50 23.69 -18.95
C SER A 151 -2.64 22.71 -19.27
N ARG A 152 -3.48 23.07 -20.24
CA ARG A 152 -4.66 22.29 -20.60
C ARG A 152 -4.29 20.85 -21.05
N ARG A 153 -3.16 20.74 -21.79
CA ARG A 153 -2.56 19.46 -22.22
C ARG A 153 -2.23 18.50 -21.07
N LEU A 154 -1.52 19.02 -20.06
CA LEU A 154 -1.26 18.29 -18.83
C LEU A 154 -2.55 17.89 -18.11
N GLN A 155 -3.49 18.83 -18.00
CA GLN A 155 -4.73 18.57 -17.30
C GLN A 155 -5.54 17.47 -18.06
N ARG A 156 -5.51 17.50 -19.40
CA ARG A 156 -6.23 16.47 -20.20
C ARG A 156 -5.64 15.06 -19.96
N ARG A 157 -4.31 14.96 -19.96
CA ARG A 157 -3.62 13.70 -19.78
C ARG A 157 -3.89 13.09 -18.38
N LEU A 158 -3.85 13.92 -17.36
CA LEU A 158 -4.19 13.49 -16.01
C LEU A 158 -5.62 12.98 -15.94
N THR A 159 -6.51 13.61 -16.69
CA THR A 159 -7.92 13.23 -16.69
C THR A 159 -8.16 11.85 -17.30
N GLU A 160 -7.35 11.51 -18.31
CA GLU A 160 -7.39 10.21 -18.98
C GLU A 160 -6.86 9.09 -18.09
N GLU A 161 -5.90 9.42 -17.23
CA GLU A 161 -5.11 8.41 -16.51
C GLU A 161 -5.45 8.26 -15.03
N PHE A 162 -6.26 9.17 -14.49
CA PHE A 162 -6.69 9.11 -13.09
C PHE A 162 -8.18 9.26 -13.03
N GLN A 163 -8.81 8.69 -12.02
CA GLN A 163 -10.27 8.76 -11.86
C GLN A 163 -10.65 10.21 -11.61
N ASN A 164 -9.81 10.93 -10.85
CA ASN A 164 -10.16 12.29 -10.42
C ASN A 164 -8.98 13.27 -10.47
N VAL A 165 -9.22 14.47 -11.01
CA VAL A 165 -8.17 15.52 -11.08
C VAL A 165 -8.70 16.84 -10.51
N ARG A 166 -8.06 17.35 -9.47
CA ARG A 166 -8.39 18.61 -8.82
C ARG A 166 -7.33 19.65 -9.15
N ILE A 167 -7.77 20.89 -9.29
CA ILE A 167 -6.88 22.04 -9.43
C ILE A 167 -6.90 22.72 -8.06
N ILE A 168 -5.74 22.92 -7.48
CA ILE A 168 -5.66 23.58 -6.19
C ILE A 168 -4.87 24.90 -6.29
N LYS A 169 -5.43 25.95 -5.70
CA LYS A 169 -4.90 27.32 -5.79
C LYS A 169 -4.10 27.74 -4.52
N PRO A 170 -4.15 29.04 -4.13
CA PRO A 170 -3.39 29.60 -2.99
C PRO A 170 -3.11 28.62 -1.84
N GLU A 179 1.30 30.27 -8.57
CA GLU A 179 1.37 28.84 -8.27
C GLU A 179 0.01 28.14 -8.39
N VAL A 180 0.03 26.95 -8.98
CA VAL A 180 -1.14 26.07 -9.03
C VAL A 180 -0.66 24.63 -8.86
N TYR A 181 -1.47 23.81 -8.18
CA TYR A 181 -1.16 22.39 -8.04
C TYR A 181 -2.21 21.59 -8.73
N PHE A 182 -1.80 20.57 -9.48
CA PHE A 182 -2.77 19.54 -9.87
C PHE A 182 -2.66 18.36 -8.92
N LEU A 183 -3.80 17.90 -8.42
CA LEU A 183 -3.88 16.72 -7.55
C LEU A 183 -4.72 15.64 -8.24
N ALA A 184 -4.05 14.61 -8.73
CA ALA A 184 -4.71 13.55 -9.47
C ALA A 184 -4.69 12.31 -8.63
N THR A 185 -5.87 11.70 -8.49
CA THR A 185 -6.03 10.58 -7.55
C THR A 185 -6.67 9.42 -8.23
N GLN A 186 -6.41 8.24 -7.66
CA GLN A 186 -6.94 6.97 -8.21
C GLN A 186 -6.39 6.71 -9.63
N TYR A 187 -5.07 6.66 -9.70
CA TYR A 187 -4.37 6.32 -10.93
C TYR A 187 -4.89 4.97 -11.56
N HIS A 188 -5.27 5.01 -12.83
CA HIS A 188 -5.86 3.81 -13.48
C HIS A 188 -4.85 2.66 -13.50
N GLY A 189 -3.59 2.98 -13.75
CA GLY A 189 -3.28 3.99 -14.74
C GLY A 189 -3.17 3.29 -16.08
N SER B 1 -5.77 -13.80 -13.11
CA SER B 1 -6.03 -15.27 -13.18
C SER B 1 -4.77 -16.00 -13.61
N TYR B 2 -3.72 -15.96 -12.77
CA TYR B 2 -3.74 -15.29 -11.44
C TYR B 2 -3.01 -13.92 -11.42
N ARG B 3 -3.37 -13.06 -10.46
CA ARG B 3 -2.86 -11.69 -10.44
C ARG B 3 -1.39 -11.62 -10.00
N SER B 4 -0.96 -12.68 -9.36
CA SER B 4 0.36 -12.76 -8.76
C SER B 4 0.77 -14.25 -8.61
N ARG B 5 2.07 -14.47 -8.48
CA ARG B 5 2.66 -15.76 -8.15
C ARG B 5 2.22 -16.34 -6.79
N SER B 6 1.77 -15.47 -5.88
N SER B 6 1.78 -15.47 -5.88
CA SER B 6 1.37 -15.90 -4.55
CA SER B 6 1.38 -15.90 -4.52
C SER B 6 0.29 -16.98 -4.64
C SER B 6 0.20 -16.90 -4.55
N ALA B 7 -0.59 -16.87 -5.63
CA ALA B 7 -1.69 -17.81 -5.82
C ALA B 7 -1.25 -19.24 -5.65
N PHE B 8 -0.10 -19.58 -6.23
CA PHE B 8 0.34 -20.98 -6.29
C PHE B 8 0.71 -21.52 -4.92
N LYS B 9 1.13 -20.61 -4.01
CA LYS B 9 1.44 -20.96 -2.61
C LYS B 9 0.19 -21.28 -1.83
N LEU B 10 -0.88 -20.55 -2.10
CA LEU B 10 -2.10 -20.83 -1.40
C LEU B 10 -2.71 -22.10 -1.98
N LEU B 11 -2.65 -22.25 -3.28
CA LEU B 11 -3.15 -23.52 -3.90
C LEU B 11 -2.53 -24.75 -3.27
N GLU B 12 -1.20 -24.70 -3.11
CA GLU B 12 -0.40 -25.79 -2.55
C GLU B 12 -0.79 -26.08 -1.12
N VAL B 13 -0.86 -25.04 -0.29
CA VAL B 13 -1.34 -25.20 1.09
C VAL B 13 -2.73 -25.81 1.13
N ASN B 14 -3.64 -25.30 0.31
CA ASN B 14 -4.99 -25.90 0.27
C ASN B 14 -5.02 -27.35 -0.25
N GLU B 15 -4.24 -27.66 -1.28
CA GLU B 15 -4.18 -29.06 -1.77
C GLU B 15 -3.79 -30.02 -0.64
N ARG B 16 -2.79 -29.62 0.17
CA ARG B 16 -2.33 -30.47 1.26
C ARG B 16 -3.23 -30.44 2.47
N HIS B 17 -3.74 -29.26 2.83
CA HIS B 17 -4.34 -29.09 4.16
C HIS B 17 -5.83 -28.89 4.16
N GLN B 18 -6.42 -28.69 2.98
CA GLN B 18 -7.87 -28.70 2.80
C GLN B 18 -8.53 -27.69 3.72
N ILE B 19 -8.13 -26.42 3.60
CA ILE B 19 -8.66 -25.37 4.53
C ILE B 19 -9.80 -24.58 3.95
N LEU B 20 -9.98 -24.70 2.62
CA LEU B 20 -11.06 -24.01 1.91
C LEU B 20 -12.02 -24.98 1.30
N ARG B 21 -13.31 -24.80 1.61
CA ARG B 21 -14.35 -25.61 1.02
C ARG B 21 -15.59 -24.78 0.85
N PRO B 22 -16.52 -25.24 -0.03
CA PRO B 22 -17.72 -24.46 -0.24
C PRO B 22 -18.49 -24.05 1.00
N GLY B 23 -18.91 -22.77 0.95
CA GLY B 23 -19.67 -22.12 2.00
C GLY B 23 -18.89 -21.44 3.11
N LEU B 24 -17.55 -21.58 3.14
CA LEU B 24 -16.82 -20.98 4.24
C LEU B 24 -16.72 -19.49 4.00
N ARG B 25 -16.74 -18.69 5.07
CA ARG B 25 -16.58 -17.26 4.97
C ARG B 25 -15.08 -17.00 5.19
N VAL B 26 -14.48 -16.25 4.29
CA VAL B 26 -13.01 -16.05 4.33
C VAL B 26 -12.66 -14.58 4.38
N LEU B 27 -11.87 -14.19 5.35
CA LEU B 27 -11.31 -12.82 5.34
C LEU B 27 -9.86 -12.98 4.80
N ASP B 28 -9.46 -12.14 3.83
CA ASP B 28 -8.14 -12.24 3.21
C ASP B 28 -7.48 -10.89 3.47
N CYS B 29 -6.51 -10.90 4.37
CA CYS B 29 -5.85 -9.70 4.81
C CYS B 29 -4.59 -9.48 3.97
N GLY B 30 -4.39 -8.23 3.52
CA GLY B 30 -3.29 -7.89 2.59
C GLY B 30 -3.61 -8.50 1.25
N ALA B 31 -4.84 -8.28 0.76
CA ALA B 31 -5.32 -8.95 -0.39
C ALA B 31 -4.76 -8.45 -1.72
N ALA B 32 -4.25 -7.25 -1.77
CA ALA B 32 -3.84 -6.69 -3.09
C ALA B 32 -2.56 -7.44 -3.63
N PRO B 33 -2.46 -7.65 -4.97
CA PRO B 33 -3.44 -7.28 -6.04
C PRO B 33 -4.67 -8.16 -6.10
N GLY B 34 -4.62 -9.34 -5.48
CA GLY B 34 -5.83 -10.17 -5.30
C GLY B 34 -5.77 -11.65 -5.68
N ALA B 35 -4.56 -12.21 -5.78
CA ALA B 35 -4.37 -13.65 -6.15
C ALA B 35 -4.91 -14.64 -5.13
N TRP B 36 -4.67 -14.41 -3.82
CA TRP B 36 -5.22 -15.30 -2.83
C TRP B 36 -6.76 -15.20 -2.84
N SER B 37 -7.26 -13.97 -2.99
CA SER B 37 -8.74 -13.75 -3.04
C SER B 37 -9.40 -14.49 -4.18
N GLN B 38 -8.71 -14.53 -5.32
CA GLN B 38 -9.16 -15.27 -6.46
C GLN B 38 -9.21 -16.75 -6.19
N VAL B 39 -8.19 -17.27 -5.52
CA VAL B 39 -8.19 -18.70 -5.08
C VAL B 39 -9.32 -18.97 -4.08
N ALA B 40 -9.50 -18.08 -3.10
CA ALA B 40 -10.52 -18.25 -2.10
C ALA B 40 -11.92 -18.28 -2.72
N VAL B 41 -12.20 -17.35 -3.63
CA VAL B 41 -13.51 -17.29 -4.30
C VAL B 41 -13.82 -18.66 -4.92
N GLN B 42 -12.87 -19.17 -5.72
CA GLN B 42 -13.05 -20.51 -6.33
C GLN B 42 -13.35 -21.60 -5.32
N LYS B 43 -12.50 -21.68 -4.32
CA LYS B 43 -12.53 -22.78 -3.41
C LYS B 43 -13.69 -22.74 -2.40
N VAL B 44 -14.17 -21.54 -2.01
CA VAL B 44 -15.36 -21.47 -1.15
C VAL B 44 -16.63 -21.26 -1.93
N ASN B 45 -16.56 -21.30 -3.28
CA ASN B 45 -17.73 -21.14 -4.09
C ASN B 45 -18.46 -19.79 -3.79
N ALA B 46 -17.70 -18.73 -3.55
CA ALA B 46 -18.26 -17.42 -3.20
C ALA B 46 -18.93 -16.72 -4.39
N ALA B 47 -18.49 -17.08 -5.60
CA ALA B 47 -19.16 -16.61 -6.80
C ALA B 47 -20.41 -17.48 -7.19
N GLY B 48 -20.66 -18.54 -6.39
CA GLY B 48 -21.72 -19.52 -6.66
C GLY B 48 -21.55 -20.27 -7.96
N THR B 49 -20.29 -20.40 -8.42
CA THR B 49 -20.03 -21.01 -9.76
C THR B 49 -20.54 -22.43 -9.87
N ASP B 50 -20.61 -23.12 -8.73
CA ASP B 50 -21.23 -24.44 -8.66
C ASP B 50 -22.55 -24.34 -7.91
N PRO B 51 -23.69 -24.44 -8.65
CA PRO B 51 -25.04 -24.30 -8.10
C PRO B 51 -25.40 -25.35 -7.05
N SER B 52 -24.71 -26.49 -7.07
CA SER B 52 -25.01 -27.63 -6.20
C SER B 52 -24.36 -27.56 -4.82
N SER B 53 -23.52 -26.54 -4.62
CA SER B 53 -22.67 -26.42 -3.42
C SER B 53 -22.94 -25.10 -2.71
N PRO B 54 -22.77 -25.09 -1.37
CA PRO B 54 -22.96 -23.86 -0.57
C PRO B 54 -22.17 -22.70 -1.12
N VAL B 55 -22.67 -21.49 -0.91
CA VAL B 55 -21.97 -20.28 -1.40
C VAL B 55 -21.27 -19.62 -0.25
N GLY B 56 -19.94 -19.53 -0.37
CA GLY B 56 -19.15 -18.97 0.67
C GLY B 56 -19.06 -17.47 0.49
N PHE B 57 -18.04 -16.88 1.10
CA PHE B 57 -17.91 -15.46 1.09
C PHE B 57 -16.43 -15.12 1.20
N VAL B 58 -16.01 -14.12 0.41
CA VAL B 58 -14.65 -13.74 0.39
C VAL B 58 -14.57 -12.23 0.47
N LEU B 59 -13.95 -11.77 1.56
CA LEU B 59 -13.70 -10.36 1.76
C LEU B 59 -12.20 -10.16 1.80
N GLY B 60 -11.64 -9.35 0.85
CA GLY B 60 -10.23 -8.95 0.97
C GLY B 60 -10.05 -7.51 1.45
N VAL B 61 -9.00 -7.27 2.22
CA VAL B 61 -8.76 -5.92 2.74
C VAL B 61 -7.31 -5.55 2.45
N ASP B 62 -7.05 -4.31 1.99
CA ASP B 62 -5.65 -3.94 1.82
C ASP B 62 -5.48 -2.43 1.93
N LEU B 63 -4.31 -2.00 2.36
CA LEU B 63 -3.92 -0.56 2.26
C LEU B 63 -4.05 0.01 0.84
N LEU B 64 -3.79 -0.85 -0.15
CA LEU B 64 -3.71 -0.46 -1.55
C LEU B 64 -5.00 -0.86 -2.32
N HIS B 65 -5.26 -0.18 -3.43
CA HIS B 65 -6.44 -0.42 -4.22
C HIS B 65 -6.40 -1.80 -4.79
N ILE B 66 -7.54 -2.50 -4.71
CA ILE B 66 -7.68 -3.81 -5.32
C ILE B 66 -8.75 -3.73 -6.42
N PHE B 67 -8.38 -4.10 -7.63
CA PHE B 67 -9.34 -4.10 -8.76
C PHE B 67 -10.45 -5.10 -8.54
N PRO B 68 -11.71 -4.71 -8.86
CA PRO B 68 -12.86 -5.57 -8.52
C PRO B 68 -12.71 -7.03 -8.95
N LEU B 69 -13.33 -7.94 -8.21
CA LEU B 69 -13.27 -9.36 -8.58
C LEU B 69 -14.62 -10.02 -8.29
N GLU B 70 -15.14 -10.79 -9.25
CA GLU B 70 -16.46 -11.41 -9.12
C GLU B 70 -16.52 -12.39 -7.97
N GLY B 71 -17.46 -12.18 -7.06
CA GLY B 71 -17.61 -13.05 -5.89
C GLY B 71 -16.75 -12.69 -4.68
N ALA B 72 -16.00 -11.57 -4.79
CA ALA B 72 -15.32 -10.95 -3.64
C ALA B 72 -15.77 -9.52 -3.41
N THR B 73 -15.84 -9.14 -2.14
CA THR B 73 -15.98 -7.74 -1.77
C THR B 73 -14.61 -7.31 -1.28
N PHE B 74 -14.23 -6.06 -1.55
CA PHE B 74 -12.92 -5.59 -1.08
C PHE B 74 -13.07 -4.32 -0.28
N LEU B 75 -12.29 -4.19 0.79
CA LEU B 75 -12.21 -2.94 1.55
C LEU B 75 -10.83 -2.40 1.32
N CYS B 76 -10.77 -1.29 0.61
CA CYS B 76 -9.49 -0.67 0.30
C CYS B 76 -9.79 0.76 -0.09
N PRO B 77 -8.96 1.69 0.35
CA PRO B 77 -7.82 1.56 1.25
C PRO B 77 -8.25 1.34 2.73
N ALA B 78 -7.66 0.33 3.37
CA ALA B 78 -8.06 -0.10 4.72
C ALA B 78 -6.91 -0.79 5.44
N ASP B 79 -6.55 -0.22 6.60
CA ASP B 79 -5.52 -0.77 7.49
C ASP B 79 -6.16 -1.84 8.41
N VAL B 80 -5.83 -3.12 8.16
CA VAL B 80 -6.40 -4.21 8.94
C VAL B 80 -6.23 -3.97 10.46
N THR B 81 -5.22 -3.16 10.83
CA THR B 81 -4.87 -2.97 12.25
C THR B 81 -5.60 -1.76 12.87
N ASP B 82 -6.45 -1.12 12.07
CA ASP B 82 -7.24 0.02 12.55
C ASP B 82 -8.65 -0.46 13.03
N PRO B 83 -9.02 -0.14 14.30
CA PRO B 83 -10.34 -0.53 14.81
C PRO B 83 -11.50 -0.37 13.79
N ARG B 84 -11.44 0.64 12.95
CA ARG B 84 -12.58 0.98 12.10
C ARG B 84 -12.77 -0.11 11.06
N THR B 85 -11.66 -0.64 10.62
CA THR B 85 -11.65 -1.70 9.63
C THR B 85 -12.26 -2.98 10.21
N SER B 86 -11.92 -3.27 11.47
CA SER B 86 -12.53 -4.40 12.16
C SER B 86 -14.04 -4.32 12.18
N GLN B 87 -14.58 -3.16 12.56
CA GLN B 87 -16.02 -3.01 12.59
C GLN B 87 -16.63 -3.19 11.22
N ARG B 88 -15.91 -2.70 10.20
CA ARG B 88 -16.35 -2.77 8.82
C ARG B 88 -16.39 -4.20 8.34
N ILE B 89 -15.30 -4.92 8.63
CA ILE B 89 -15.22 -6.36 8.42
C ILE B 89 -16.45 -7.08 8.99
N LEU B 90 -16.71 -6.87 10.27
CA LEU B 90 -17.83 -7.51 10.95
C LEU B 90 -19.18 -7.18 10.29
N GLU B 91 -19.37 -5.92 9.89
CA GLU B 91 -20.59 -5.50 9.19
C GLU B 91 -20.80 -6.16 7.82
N VAL B 92 -19.70 -6.55 7.17
CA VAL B 92 -19.73 -7.02 5.79
C VAL B 92 -19.86 -8.56 5.73
N LEU B 93 -19.21 -9.24 6.67
CA LEU B 93 -19.23 -10.72 6.68
C LEU B 93 -20.65 -11.22 7.05
N PRO B 94 -21.16 -12.22 6.30
CA PRO B 94 -22.32 -12.99 6.75
C PRO B 94 -22.17 -13.43 8.20
N GLY B 95 -23.23 -13.20 8.99
CA GLY B 95 -23.24 -13.59 10.39
C GLY B 95 -22.18 -12.93 11.26
N ARG B 96 -21.60 -11.84 10.75
CA ARG B 96 -20.53 -11.09 11.42
C ARG B 96 -19.33 -11.94 11.84
N ARG B 97 -19.06 -13.01 11.11
CA ARG B 97 -17.96 -13.90 11.49
C ARG B 97 -17.26 -14.48 10.26
N ALA B 98 -15.99 -14.78 10.42
CA ALA B 98 -15.25 -15.51 9.35
C ALA B 98 -15.04 -16.92 9.83
N ASP B 99 -15.02 -17.86 8.88
CA ASP B 99 -14.61 -19.26 9.12
C ASP B 99 -13.12 -19.48 8.87
N VAL B 100 -12.53 -18.61 8.04
CA VAL B 100 -11.12 -18.72 7.72
C VAL B 100 -10.53 -17.32 7.61
N ILE B 101 -9.46 -17.07 8.34
CA ILE B 101 -8.73 -15.81 8.14
C ILE B 101 -7.44 -16.19 7.42
N LEU B 102 -7.24 -15.59 6.25
CA LEU B 102 -5.94 -15.71 5.52
C LEU B 102 -5.21 -14.39 5.68
N SER B 103 -3.91 -14.45 5.87
CA SER B 103 -3.14 -13.21 5.85
C SER B 103 -1.86 -13.36 5.12
N ASP B 104 -1.68 -12.50 4.10
CA ASP B 104 -0.37 -12.41 3.41
C ASP B 104 0.19 -11.00 3.53
N MET B 105 -0.20 -10.29 4.61
CA MET B 105 0.25 -8.94 4.82
C MET B 105 1.77 -8.91 5.06
N ALA B 106 2.42 -7.85 4.62
CA ALA B 106 3.85 -7.67 4.94
C ALA B 106 4.12 -6.18 4.95
N PRO B 107 5.03 -5.77 5.83
CA PRO B 107 5.45 -4.37 5.85
C PRO B 107 6.27 -4.05 4.64
N ASN B 108 6.49 -2.76 4.44
CA ASN B 108 7.46 -2.31 3.44
C ASN B 108 8.84 -2.81 3.83
N ALA B 109 9.54 -3.43 2.89
CA ALA B 109 10.90 -3.91 3.15
C ALA B 109 11.85 -2.74 3.26
N THR B 110 12.77 -2.80 4.22
CA THR B 110 13.73 -1.70 4.45
C THR B 110 15.19 -2.09 4.26
N GLY B 111 15.47 -3.39 4.22
CA GLY B 111 16.84 -3.92 4.22
C GLY B 111 17.34 -4.17 5.63
N PHE B 112 16.57 -3.76 6.63
CA PHE B 112 16.92 -4.07 8.03
C PHE B 112 16.19 -5.32 8.38
N ARG B 113 16.91 -6.43 8.47
CA ARG B 113 16.26 -7.74 8.37
C ARG B 113 15.45 -8.12 9.65
N ASP B 114 16.09 -8.02 10.81
CA ASP B 114 15.41 -8.27 12.08
C ASP B 114 14.22 -7.32 12.21
N LEU B 115 14.41 -6.06 11.84
CA LEU B 115 13.35 -5.07 12.02
C LEU B 115 12.13 -5.40 11.16
N ASP B 116 12.39 -5.72 9.88
CA ASP B 116 11.29 -6.12 8.95
C ASP B 116 10.63 -7.40 9.48
N HIS B 117 11.43 -8.35 9.97
CA HIS B 117 10.86 -9.65 10.44
C HIS B 117 9.99 -9.40 11.65
N ASP B 118 10.49 -8.60 12.56
CA ASP B 118 9.78 -8.34 13.80
C ASP B 118 8.50 -7.56 13.51
N ARG B 119 8.57 -6.64 12.55
CA ARG B 119 7.40 -5.85 12.21
C ARG B 119 6.30 -6.78 11.64
N LEU B 120 6.71 -7.75 10.85
CA LEU B 120 5.77 -8.73 10.32
C LEU B 120 5.15 -9.55 11.44
N ILE B 121 5.98 -10.08 12.33
CA ILE B 121 5.45 -10.79 13.49
C ILE B 121 4.46 -9.91 14.28
N SER B 122 4.81 -8.65 14.52
CA SER B 122 3.91 -7.76 15.27
C SER B 122 2.55 -7.65 14.53
N LEU B 123 2.61 -7.60 13.20
CA LEU B 123 1.41 -7.48 12.40
C LEU B 123 0.50 -8.68 12.63
N CYS B 124 1.11 -9.86 12.58
CA CYS B 124 0.37 -11.14 12.82
C CYS B 124 -0.23 -11.15 14.21
N LEU B 125 0.57 -10.72 15.21
CA LEU B 125 0.08 -10.70 16.59
C LEU B 125 -1.11 -9.75 16.76
N THR B 126 -1.05 -8.59 16.08
CA THR B 126 -2.15 -7.64 16.12
C THR B 126 -3.40 -8.22 15.49
N LEU B 127 -3.22 -8.90 14.35
CA LEU B 127 -4.34 -9.54 13.69
C LEU B 127 -4.90 -10.63 14.60
N LEU B 128 -4.03 -11.36 15.29
CA LEU B 128 -4.50 -12.46 16.19
C LEU B 128 -5.31 -11.88 17.34
N SER B 129 -4.96 -10.65 17.71
CA SER B 129 -5.55 -10.00 18.89
C SER B 129 -7.00 -9.62 18.61
N VAL B 130 -7.31 -9.39 17.35
CA VAL B 130 -8.67 -9.07 16.93
C VAL B 130 -9.42 -10.28 16.40
N THR B 131 -8.75 -11.43 16.40
CA THR B 131 -9.37 -12.65 15.94
C THR B 131 -10.54 -13.16 16.89
N PRO B 132 -10.37 -13.07 18.24
CA PRO B 132 -11.51 -13.44 19.11
C PRO B 132 -12.83 -12.77 18.70
N ASP B 133 -12.74 -11.58 18.13
CA ASP B 133 -13.91 -10.82 17.69
C ASP B 133 -14.45 -11.34 16.36
N ILE B 134 -13.61 -11.96 15.55
CA ILE B 134 -14.03 -12.18 14.18
C ILE B 134 -14.01 -13.65 13.76
N LEU B 135 -13.17 -14.45 14.41
CA LEU B 135 -13.09 -15.87 14.00
C LEU B 135 -14.08 -16.78 14.75
N GLN B 136 -14.94 -17.43 13.98
CA GLN B 136 -15.79 -18.50 14.55
C GLN B 136 -14.93 -19.54 15.32
N PRO B 137 -15.31 -19.89 16.57
CA PRO B 137 -14.77 -21.11 17.19
C PRO B 137 -14.77 -22.28 16.18
N GLY B 138 -13.66 -23.05 16.15
CA GLY B 138 -13.47 -24.14 15.15
C GLY B 138 -12.80 -23.67 13.83
N GLY B 139 -12.52 -22.38 13.76
CA GLY B 139 -12.16 -21.71 12.51
C GLY B 139 -10.69 -21.87 12.21
N THR B 140 -10.24 -21.28 11.09
CA THR B 140 -8.86 -21.50 10.59
C THR B 140 -8.17 -20.15 10.41
N PHE B 141 -6.87 -20.12 10.72
CA PHE B 141 -6.04 -18.85 10.62
C PHE B 141 -4.74 -19.26 9.91
N LEU B 142 -4.49 -18.68 8.74
CA LEU B 142 -3.24 -18.92 8.00
C LEU B 142 -2.55 -17.60 7.86
N CYS B 143 -1.34 -17.48 8.40
CA CYS B 143 -0.60 -16.19 8.30
C CYS B 143 0.83 -16.32 7.78
N LYS B 144 1.26 -15.36 6.94
CA LYS B 144 2.59 -15.40 6.42
C LYS B 144 3.58 -14.79 7.44
N THR B 145 4.76 -15.39 7.53
CA THR B 145 5.91 -14.82 8.28
C THR B 145 7.23 -14.88 7.47
N TRP B 146 8.23 -14.10 7.90
CA TRP B 146 9.63 -14.32 7.53
C TRP B 146 10.40 -14.93 8.68
N ALA B 147 11.15 -15.99 8.36
CA ALA B 147 11.93 -16.77 9.32
C ALA B 147 12.74 -15.88 10.24
N GLY B 148 12.66 -16.19 11.54
CA GLY B 148 13.24 -15.34 12.59
C GLY B 148 13.09 -15.93 13.99
N SER B 149 13.81 -15.35 14.96
CA SER B 149 13.78 -15.82 16.36
C SER B 149 12.49 -15.41 17.10
N GLN B 150 11.84 -14.34 16.61
CA GLN B 150 10.73 -13.73 17.33
C GLN B 150 9.43 -14.40 16.91
N SER B 151 9.52 -15.28 15.89
CA SER B 151 8.37 -16.07 15.41
C SER B 151 7.88 -17.04 16.49
N ARG B 152 8.74 -17.35 17.48
CA ARG B 152 8.33 -18.21 18.59
C ARG B 152 7.25 -17.61 19.54
N ARG B 153 7.20 -16.29 19.65
CA ARG B 153 6.10 -15.66 20.44
C ARG B 153 4.75 -15.80 19.68
N LEU B 154 4.82 -15.72 18.35
CA LEU B 154 3.64 -15.93 17.55
C LEU B 154 3.19 -17.38 17.70
N GLN B 155 4.13 -18.30 17.56
CA GLN B 155 3.80 -19.70 17.52
C GLN B 155 3.12 -20.13 18.81
N ARG B 156 3.54 -19.53 19.94
CA ARG B 156 3.04 -19.98 21.25
C ARG B 156 1.65 -19.46 21.57
N ARG B 157 1.32 -18.28 21.03
CA ARG B 157 -0.05 -17.75 21.20
C ARG B 157 -1.04 -18.54 20.35
N LEU B 158 -0.67 -18.86 19.11
CA LEU B 158 -1.51 -19.75 18.29
C LEU B 158 -1.67 -21.12 18.96
N THR B 159 -0.56 -21.65 19.50
CA THR B 159 -0.60 -22.97 20.15
C THR B 159 -1.56 -22.96 21.34
N GLU B 160 -1.70 -21.80 21.98
CA GLU B 160 -2.60 -21.63 23.14
C GLU B 160 -4.07 -21.48 22.74
N GLU B 161 -4.30 -20.89 21.57
CA GLU B 161 -5.63 -20.42 21.17
C GLU B 161 -6.33 -21.35 20.17
N PHE B 162 -5.59 -22.32 19.62
CA PHE B 162 -6.09 -23.26 18.58
C PHE B 162 -5.70 -24.67 18.94
N GLN B 163 -6.45 -25.63 18.45
CA GLN B 163 -6.12 -27.03 18.70
C GLN B 163 -4.83 -27.49 17.98
N ASN B 164 -4.63 -27.01 16.76
CA ASN B 164 -3.51 -27.50 15.97
C ASN B 164 -2.85 -26.35 15.29
N VAL B 165 -1.53 -26.36 15.28
CA VAL B 165 -0.70 -25.34 14.60
C VAL B 165 0.39 -26.03 13.77
N ARG B 166 0.47 -25.69 12.48
CA ARG B 166 1.43 -26.25 11.54
C ARG B 166 2.36 -25.13 11.08
N ILE B 167 3.61 -25.48 10.78
CA ILE B 167 4.55 -24.56 10.15
C ILE B 167 4.79 -25.02 8.72
N ILE B 168 4.47 -24.16 7.75
CA ILE B 168 4.65 -24.49 6.34
C ILE B 168 5.80 -23.68 5.68
N LYS B 169 6.68 -24.37 4.93
CA LYS B 169 7.78 -23.70 4.19
C LYS B 169 7.48 -23.67 2.69
N SER B 177 11.71 -17.67 -2.78
CA SER B 177 10.90 -17.32 -1.62
C SER B 177 11.42 -17.98 -0.33
N SER B 178 11.21 -17.27 0.79
CA SER B 178 11.55 -17.77 2.13
C SER B 178 10.56 -17.23 3.17
N GLU B 179 9.30 -17.22 2.75
CA GLU B 179 8.22 -17.10 3.68
C GLU B 179 8.09 -18.40 4.49
N VAL B 180 7.45 -18.27 5.63
CA VAL B 180 7.02 -19.38 6.45
C VAL B 180 5.60 -19.02 6.78
N TYR B 181 4.65 -19.96 6.68
CA TYR B 181 3.28 -19.69 7.08
C TYR B 181 3.01 -20.46 8.33
N PHE B 182 2.22 -19.86 9.22
CA PHE B 182 1.59 -20.64 10.29
C PHE B 182 0.16 -20.95 9.89
N LEU B 183 -0.23 -22.20 10.06
CA LEU B 183 -1.57 -22.63 9.75
C LEU B 183 -2.19 -23.21 11.02
N ALA B 184 -3.14 -22.46 11.59
CA ALA B 184 -3.74 -22.83 12.87
C ALA B 184 -5.16 -23.22 12.64
N THR B 185 -5.59 -24.36 13.19
CA THR B 185 -6.92 -24.85 12.86
C THR B 185 -7.64 -25.22 14.13
N GLN B 186 -8.96 -25.21 14.09
N GLN B 186 -8.97 -25.26 14.05
CA GLN B 186 -9.78 -25.54 15.27
CA GLN B 186 -9.86 -25.49 15.20
C GLN B 186 -9.61 -24.49 16.38
C GLN B 186 -9.61 -24.50 16.34
N TYR B 187 -9.88 -23.23 16.04
CA TYR B 187 -9.86 -22.11 17.02
C TYR B 187 -10.71 -22.42 18.26
N HIS B 188 -10.17 -22.22 19.47
CA HIS B 188 -10.89 -22.61 20.71
C HIS B 188 -12.09 -21.67 20.92
N GLY B 189 -11.89 -20.38 20.76
CA GLY B 189 -10.58 -19.76 20.76
C GLY B 189 -10.56 -18.73 21.88
#